data_6BIY
#
_entry.id   6BIY
#
_cell.length_a   67.826
_cell.length_b   182.478
_cell.length_c   76.807
_cell.angle_alpha   90.000
_cell.angle_beta   90.000
_cell.angle_gamma   90.000
#
_symmetry.space_group_name_H-M   'C 2 2 21'
#
loop_
_entity.id
_entity.type
_entity.pdbx_description
1 polymer 'HLA class II histocompatibility antigen, DR alpha chain'
2 polymer 'HLA class II DR-beta (HLA-DR B)'
3 polymer Histone2B_69-81
4 non-polymer 2-acetamido-2-deoxy-beta-D-glucopyranose
5 non-polymer 2-[3-(2-HYDROXY-1,1-DIHYDROXYMETHYL-ETHYLAMINO)-PROPYLAMINO]-2-HYDROXYMETHYL-PROPANE-1,3-DIOL
6 water water
#
loop_
_entity_poly.entity_id
_entity_poly.type
_entity_poly.pdbx_seq_one_letter_code
_entity_poly.pdbx_strand_id
1 'polypeptide(L)'
;IKEEHVIIQAEFYLNPDQSGEFMFDFDGDEIFHVDMAKKETVWRLEEFGRFASFEAQGALANIAVDKANLEIMTKRSNYT
PITNVPPEVTVLTNSPVELREPNVLICFIDKFTPPVVNVTWLRNGKPVTTGVSETVFLPREDHLFRKFHYLPFLPSTEDV
YDCRVEHWGLDEPLLKHWEFDTSGDDDDK
;
A
2 'polypeptide(L)'
;GSGDTRPRFLEQVKHECHFFNGTERVRFLDRYFYHQEEYVRFDSDVGEYRAVTELGRPDAEYWNSQKDLLEQRRAAVDTY
CRHNYGVVESFTVQRRVYPEVTVYPAKTQPLQHHNLLVCSVNGFYPGSIEVRWFRNGQEEKTGVVSTGLIQNGDWTFQTL
VMLETVPRSGEVYTCQVEHPSLTSPLTVEWRATGGDDDDK
;
B
3 'polypeptide(L)' DIFERIASEASRL C
#
# COMPACT_ATOMS: atom_id res chain seq x y z
N GLU A 4 13.78 -9.28 -6.90
CA GLU A 4 13.79 -7.84 -6.65
C GLU A 4 12.91 -7.47 -5.43
N HIS A 5 13.46 -6.68 -4.53
CA HIS A 5 12.68 -6.09 -3.46
C HIS A 5 13.01 -4.61 -3.37
N VAL A 6 12.09 -3.83 -2.82
CA VAL A 6 12.23 -2.39 -2.72
C VAL A 6 11.84 -1.96 -1.32
N ILE A 7 12.74 -1.25 -0.65
CA ILE A 7 12.45 -0.61 0.63
C ILE A 7 12.47 0.90 0.41
N ILE A 8 11.39 1.56 0.81
CA ILE A 8 11.26 3.00 0.62
C ILE A 8 10.99 3.64 1.97
N GLN A 9 11.73 4.70 2.25
CA GLN A 9 11.46 5.63 3.34
C GLN A 9 10.71 6.77 2.70
N ALA A 10 9.39 6.82 2.91
CA ALA A 10 8.52 7.80 2.28
C ALA A 10 8.14 8.86 3.30
N GLU A 11 8.25 10.12 2.91
CA GLU A 11 7.92 11.25 3.75
C GLU A 11 6.99 12.19 3.00
N PHE A 12 6.16 12.93 3.74
CA PHE A 12 5.55 14.10 3.11
C PHE A 12 5.24 15.15 4.13
N TYR A 13 5.09 16.37 3.62
CA TYR A 13 4.65 17.51 4.41
C TYR A 13 3.68 18.28 3.55
N LEU A 14 2.57 18.71 4.15
CA LEU A 14 1.45 19.32 3.44
C LEU A 14 1.10 20.65 4.08
N ASN A 15 1.12 21.74 3.27
CA ASN A 15 0.59 23.03 3.73
C ASN A 15 -0.78 23.29 3.10
N PRO A 16 -1.66 24.07 3.76
CA PRO A 16 -1.44 24.76 5.04
C PRO A 16 -1.78 23.89 6.25
N ASP A 17 -2.10 22.61 6.01
CA ASP A 17 -2.53 21.76 7.10
C ASP A 17 -1.41 21.50 8.09
N GLN A 18 -0.16 21.69 7.68
CA GLN A 18 1.00 21.39 8.52
C GLN A 18 0.97 19.96 9.02
N SER A 19 0.58 19.03 8.15
CA SER A 19 0.63 17.61 8.49
C SER A 19 1.83 16.97 7.79
N GLY A 20 2.60 16.20 8.55
CA GLY A 20 3.73 15.48 7.99
C GLY A 20 3.56 14.00 8.25
N GLU A 21 4.24 13.17 7.44
CA GLU A 21 4.19 11.74 7.66
C GLU A 21 5.56 11.16 7.34
N PHE A 22 5.90 10.09 8.05
CA PHE A 22 7.18 9.41 7.87
C PHE A 22 6.91 7.92 8.00
N MET A 23 7.23 7.14 6.97
CA MET A 23 6.98 5.71 7.06
C MET A 23 8.01 4.95 6.23
N PHE A 24 8.05 3.65 6.47
CA PHE A 24 8.85 2.72 5.70
C PHE A 24 7.91 1.70 5.05
N ASP A 25 8.22 1.37 3.80
CA ASP A 25 7.42 0.51 2.93
C ASP A 25 8.35 -0.58 2.42
N PHE A 26 7.88 -1.82 2.44
CA PHE A 26 8.56 -2.95 1.83
C PHE A 26 7.61 -3.54 0.80
N ASP A 27 7.98 -3.44 -0.48
CA ASP A 27 7.22 -4.05 -1.57
C ASP A 27 5.74 -3.66 -1.55
N GLY A 28 5.45 -2.42 -1.18
CA GLY A 28 4.06 -2.00 -1.15
C GLY A 28 3.34 -2.16 0.18
N ASP A 29 3.96 -2.75 1.20
CA ASP A 29 3.35 -2.90 2.51
C ASP A 29 4.08 -2.05 3.54
N GLU A 30 3.33 -1.49 4.50
CA GLU A 30 3.94 -0.59 5.48
C GLU A 30 4.66 -1.39 6.55
N ILE A 31 5.94 -1.07 6.79
CA ILE A 31 6.63 -1.70 7.92
C ILE A 31 6.26 -0.99 9.21
N PHE A 32 6.38 0.34 9.22
CA PHE A 32 6.00 1.16 10.34
C PHE A 32 5.89 2.59 9.86
N HIS A 33 5.30 3.42 10.71
CA HIS A 33 5.30 4.87 10.54
C HIS A 33 5.59 5.49 11.91
N VAL A 34 5.90 6.78 11.91
CA VAL A 34 6.18 7.50 13.14
C VAL A 34 4.97 8.35 13.47
N ASP A 35 4.38 8.12 14.64
CA ASP A 35 3.41 9.04 15.22
C ASP A 35 4.13 10.34 15.57
N MET A 36 3.88 11.39 14.79
CA MET A 36 4.70 12.59 14.93
C MET A 36 4.41 13.33 16.23
N ALA A 37 3.15 13.32 16.67
CA ALA A 37 2.79 14.00 17.92
C ALA A 37 3.40 13.28 19.12
N LYS A 38 3.24 11.97 19.20
CA LYS A 38 3.80 11.21 20.31
C LYS A 38 5.28 10.95 20.17
N LYS A 39 5.86 11.18 18.98
CA LYS A 39 7.24 10.80 18.69
C LYS A 39 7.49 9.33 19.00
N GLU A 40 6.63 8.47 18.46
CA GLU A 40 6.68 7.03 18.69
C GLU A 40 6.64 6.24 17.39
N THR A 41 7.40 5.15 17.34
CA THR A 41 7.35 4.21 16.22
C THR A 41 6.13 3.31 16.34
N VAL A 42 5.34 3.21 15.27
CA VAL A 42 4.12 2.41 15.22
C VAL A 42 4.34 1.29 14.21
N TRP A 43 4.58 0.07 14.68
CA TRP A 43 4.83 -1.05 13.79
C TRP A 43 3.51 -1.57 13.21
N ARG A 44 3.52 -1.89 11.92
CA ARG A 44 2.26 -2.26 11.27
C ARG A 44 1.76 -3.60 11.76
N LEU A 45 2.68 -4.54 12.00
CA LEU A 45 2.43 -5.78 12.73
C LEU A 45 3.23 -5.74 14.02
N GLU A 46 2.60 -6.17 15.12
CA GLU A 46 3.25 -6.13 16.43
C GLU A 46 4.59 -6.87 16.41
N GLU A 47 4.63 -8.02 15.74
CA GLU A 47 5.85 -8.84 15.74
C GLU A 47 7.05 -8.11 15.16
N PHE A 48 6.84 -7.09 14.30
CA PHE A 48 7.97 -6.32 13.77
C PHE A 48 8.76 -5.64 14.88
N GLY A 49 8.06 -5.10 15.88
CA GLY A 49 8.72 -4.35 16.94
C GLY A 49 9.59 -5.21 17.85
N ARG A 50 9.35 -6.52 17.86
CA ARG A 50 10.22 -7.44 18.60
C ARG A 50 11.49 -7.78 17.83
N PHE A 51 11.49 -7.60 16.51
CA PHE A 51 12.66 -7.93 15.70
C PHE A 51 13.53 -6.72 15.39
N ALA A 52 13.03 -5.51 15.55
CA ALA A 52 13.76 -4.34 15.13
C ALA A 52 13.30 -3.15 15.96
N SER A 53 14.09 -2.08 15.92
CA SER A 53 13.69 -0.83 16.56
C SER A 53 14.07 0.32 15.64
N PHE A 54 13.51 1.49 15.96
CA PHE A 54 13.78 2.69 15.19
C PHE A 54 13.63 3.89 16.11
N GLU A 55 14.61 4.78 16.08
CA GLU A 55 14.60 5.99 16.90
C GLU A 55 13.64 6.99 16.25
N ALA A 56 12.39 6.99 16.71
CA ALA A 56 11.35 7.81 16.10
C ALA A 56 11.68 9.30 16.12
N GLN A 57 12.45 9.74 17.11
CA GLN A 57 12.80 11.16 17.22
C GLN A 57 13.41 11.69 15.93
N GLY A 58 14.22 10.87 15.26
CA GLY A 58 14.90 11.32 14.06
C GLY A 58 13.98 11.51 12.86
N ALA A 59 12.77 10.97 12.89
CA ALA A 59 11.81 11.27 11.83
C ALA A 59 11.43 12.75 11.84
N LEU A 60 11.43 13.37 13.02
CA LEU A 60 11.05 14.78 13.11
C LEU A 60 12.05 15.68 12.43
N ALA A 61 13.32 15.28 12.39
CA ALA A 61 14.30 16.06 11.66
C ALA A 61 14.01 16.06 10.17
N ASN A 62 13.64 14.89 9.62
CA ASN A 62 13.31 14.80 8.19
C ASN A 62 12.13 15.69 7.85
N ILE A 63 11.07 15.64 8.68
CA ILE A 63 9.88 16.44 8.41
C ILE A 63 10.20 17.92 8.47
N ALA A 64 11.10 18.31 9.38
CA ALA A 64 11.49 19.72 9.46
C ALA A 64 12.19 20.16 8.19
N VAL A 65 13.08 19.33 7.64
CA VAL A 65 13.71 19.66 6.36
C VAL A 65 12.64 19.71 5.27
N ASP A 66 11.71 18.77 5.28
CA ASP A 66 10.70 18.73 4.23
C ASP A 66 9.79 19.96 4.29
N LYS A 67 9.41 20.39 5.50
CA LYS A 67 8.68 21.64 5.63
C LYS A 67 9.48 22.82 5.09
N ALA A 68 10.78 22.88 5.41
CA ALA A 68 11.61 23.94 4.88
C ALA A 68 11.72 23.86 3.36
N ASN A 69 11.86 22.66 2.80
CA ASN A 69 11.93 22.52 1.35
C ASN A 69 10.60 22.90 0.70
N LEU A 70 9.48 22.54 1.34
CA LEU A 70 8.18 22.89 0.78
C LEU A 70 8.02 24.39 0.62
N GLU A 71 8.49 25.18 1.59
CA GLU A 71 8.38 26.63 1.46
C GLU A 71 9.20 27.12 0.28
N ILE A 72 10.40 26.55 0.10
CA ILE A 72 11.25 26.95 -1.02
C ILE A 72 10.59 26.59 -2.34
N MET A 73 10.09 25.35 -2.45
CA MET A 73 9.52 24.90 -3.72
C MET A 73 8.21 25.62 -4.03
N THR A 74 7.39 25.86 -3.01
CA THR A 74 6.16 26.63 -3.20
C THR A 74 6.46 27.96 -3.85
N LYS A 75 7.46 28.67 -3.30
CA LYS A 75 7.87 29.95 -3.87
C LYS A 75 8.45 29.75 -5.26
N ARG A 76 9.34 28.77 -5.42
CA ARG A 76 9.95 28.51 -6.72
C ARG A 76 8.90 28.25 -7.78
N SER A 77 7.77 27.64 -7.42
CA SER A 77 6.73 27.32 -8.38
C SER A 77 5.78 28.49 -8.66
N ASN A 78 6.03 29.68 -8.08
CA ASN A 78 5.08 30.79 -8.16
C ASN A 78 3.75 30.40 -7.50
N TYR A 79 3.84 29.69 -6.38
CA TYR A 79 2.67 29.33 -5.56
C TYR A 79 1.64 28.52 -6.35
N THR A 80 2.12 27.58 -7.16
CA THR A 80 1.23 26.70 -7.90
C THR A 80 0.72 25.60 -6.96
N PRO A 81 -0.56 25.56 -6.67
CA PRO A 81 -1.09 24.59 -5.71
C PRO A 81 -1.27 23.21 -6.36
N ILE A 82 -1.51 22.22 -5.52
CA ILE A 82 -1.79 20.87 -5.99
C ILE A 82 -3.17 20.81 -6.64
N THR A 83 -3.31 19.92 -7.62
CA THR A 83 -4.62 19.58 -8.20
C THR A 83 -5.20 18.38 -7.45
N ASN A 84 -6.43 18.55 -6.95
CA ASN A 84 -7.10 17.44 -6.28
C ASN A 84 -7.30 16.28 -7.24
N VAL A 85 -7.00 15.07 -6.78
CA VAL A 85 -7.33 13.84 -7.50
C VAL A 85 -8.22 13.03 -6.57
N PRO A 86 -9.51 12.86 -6.89
CA PRO A 86 -10.39 12.17 -5.96
C PRO A 86 -10.13 10.68 -5.95
N PRO A 87 -10.46 9.99 -4.86
CA PRO A 87 -10.14 8.57 -4.75
C PRO A 87 -11.11 7.66 -5.47
N GLU A 88 -10.63 6.46 -5.77
CA GLU A 88 -11.47 5.30 -6.04
C GLU A 88 -11.65 4.54 -4.74
N VAL A 89 -12.85 4.02 -4.51
CA VAL A 89 -13.16 3.38 -3.24
C VAL A 89 -13.73 2.00 -3.52
N THR A 90 -13.25 1.01 -2.78
CA THR A 90 -13.73 -0.36 -2.88
C THR A 90 -13.98 -0.89 -1.49
N VAL A 91 -15.10 -1.61 -1.32
CA VAL A 91 -15.42 -2.27 -0.06
C VAL A 91 -15.40 -3.77 -0.29
N LEU A 92 -14.65 -4.48 0.54
CA LEU A 92 -14.57 -5.93 0.47
C LEU A 92 -14.45 -6.47 1.90
N THR A 93 -14.66 -7.77 2.03
CA THR A 93 -14.36 -8.47 3.28
C THR A 93 -13.06 -9.26 3.11
N ASN A 94 -12.39 -9.52 4.23
CA ASN A 94 -11.10 -10.17 4.11
C ASN A 94 -11.20 -11.69 4.06
N SER A 95 -12.39 -12.27 4.23
CA SER A 95 -12.58 -13.69 4.03
C SER A 95 -14.00 -13.93 3.53
N PRO A 96 -14.27 -15.10 2.95
CA PRO A 96 -15.65 -15.44 2.57
C PRO A 96 -16.61 -15.23 3.72
N VAL A 97 -17.78 -14.72 3.42
CA VAL A 97 -18.71 -14.31 4.45
C VAL A 97 -19.60 -15.48 4.83
N GLU A 98 -19.69 -15.76 6.12
CA GLU A 98 -20.61 -16.74 6.66
C GLU A 98 -21.42 -16.07 7.76
N LEU A 99 -22.73 -16.33 7.75
CA LEU A 99 -23.63 -15.72 8.72
C LEU A 99 -23.19 -16.03 10.14
N ARG A 100 -23.07 -14.98 10.96
CA ARG A 100 -22.67 -15.03 12.35
C ARG A 100 -21.23 -15.49 12.57
N GLU A 101 -20.42 -15.61 11.51
CA GLU A 101 -18.99 -15.89 11.65
C GLU A 101 -18.22 -14.60 11.56
N PRO A 102 -17.50 -14.21 12.61
CA PRO A 102 -16.85 -12.89 12.62
C PRO A 102 -15.96 -12.68 11.41
N ASN A 103 -16.00 -11.46 10.87
CA ASN A 103 -15.29 -11.12 9.65
C ASN A 103 -14.81 -9.67 9.77
N VAL A 104 -14.27 -9.13 8.69
CA VAL A 104 -13.76 -7.76 8.66
C VAL A 104 -14.13 -7.12 7.33
N LEU A 105 -14.77 -5.95 7.39
CA LEU A 105 -14.98 -5.12 6.22
C LEU A 105 -13.76 -4.23 5.99
N ILE A 106 -13.27 -4.21 4.76
CA ILE A 106 -12.14 -3.38 4.36
C ILE A 106 -12.64 -2.28 3.43
N CYS A 107 -12.29 -1.03 3.74
CA CYS A 107 -12.56 0.08 2.83
C CYS A 107 -11.23 0.52 2.24
N PHE A 108 -11.03 0.26 0.95
CA PHE A 108 -9.79 0.57 0.27
C PHE A 108 -9.98 1.88 -0.49
N ILE A 109 -9.21 2.90 -0.11
CA ILE A 109 -9.31 4.23 -0.70
C ILE A 109 -8.03 4.47 -1.49
N ASP A 110 -8.14 4.64 -2.81
CA ASP A 110 -6.99 4.52 -3.70
C ASP A 110 -6.88 5.71 -4.65
N LYS A 111 -5.63 6.03 -5.03
CA LYS A 111 -5.34 6.91 -6.17
C LYS A 111 -5.80 8.34 -5.95
N PHE A 112 -5.50 8.90 -4.78
CA PHE A 112 -5.96 10.24 -4.49
C PHE A 112 -4.84 11.11 -3.94
N THR A 113 -5.07 12.43 -4.02
CA THR A 113 -4.17 13.42 -3.44
C THR A 113 -4.95 14.73 -3.41
N PRO A 114 -4.70 15.63 -2.43
CA PRO A 114 -3.72 15.52 -1.34
C PRO A 114 -4.12 14.45 -0.32
N PRO A 115 -3.17 14.06 0.53
CA PRO A 115 -3.45 13.02 1.54
C PRO A 115 -4.24 13.55 2.72
N VAL A 116 -5.49 13.93 2.44
CA VAL A 116 -6.47 14.33 3.46
C VAL A 116 -7.81 13.73 3.05
N VAL A 117 -8.43 12.98 3.96
CA VAL A 117 -9.66 12.24 3.66
C VAL A 117 -10.45 12.11 4.95
N ASN A 118 -11.78 12.12 4.83
CA ASN A 118 -12.68 11.77 5.92
C ASN A 118 -13.40 10.49 5.54
N VAL A 119 -13.30 9.49 6.41
CA VAL A 119 -13.86 8.16 6.15
C VAL A 119 -14.75 7.80 7.33
N THR A 120 -15.99 7.41 7.03
CA THR A 120 -16.94 6.96 8.04
C THR A 120 -17.51 5.63 7.61
N TRP A 121 -17.57 4.68 8.54
CA TRP A 121 -18.31 3.45 8.37
C TRP A 121 -19.74 3.67 8.81
N LEU A 122 -20.69 3.26 7.98
CA LEU A 122 -22.10 3.36 8.31
C LEU A 122 -22.70 1.96 8.38
N ARG A 123 -23.45 1.69 9.45
CA ARG A 123 -24.26 0.48 9.54
C ARG A 123 -25.72 0.90 9.60
N ASN A 124 -26.50 0.43 8.62
CA ASN A 124 -27.89 0.84 8.48
C ASN A 124 -27.99 2.37 8.49
N GLY A 125 -27.05 3.00 7.80
CA GLY A 125 -27.06 4.44 7.66
C GLY A 125 -26.58 5.21 8.86
N LYS A 126 -26.09 4.53 9.91
CA LYS A 126 -25.62 5.27 11.07
C LYS A 126 -24.12 5.07 11.28
N PRO A 127 -23.40 6.11 11.67
CA PRO A 127 -21.94 5.95 11.85
C PRO A 127 -21.63 4.96 12.95
N VAL A 128 -20.63 4.12 12.70
CA VAL A 128 -20.16 3.16 13.68
C VAL A 128 -18.67 3.38 13.87
N THR A 129 -18.23 3.37 15.13
CA THR A 129 -16.84 3.58 15.48
C THR A 129 -16.25 2.45 16.31
N THR A 130 -17.07 1.57 16.85
CA THR A 130 -16.58 0.53 17.74
C THR A 130 -15.77 -0.50 16.96
N GLY A 131 -14.49 -0.60 17.29
CA GLY A 131 -13.62 -1.59 16.70
C GLY A 131 -12.97 -1.20 15.40
N VAL A 132 -13.16 0.03 14.94
CA VAL A 132 -12.60 0.44 13.65
C VAL A 132 -11.12 0.77 13.79
N SER A 133 -10.38 0.52 12.72
CA SER A 133 -8.98 0.89 12.64
C SER A 133 -8.69 1.39 11.24
N GLU A 134 -7.50 1.94 11.06
CA GLU A 134 -7.15 2.52 9.78
C GLU A 134 -5.64 2.52 9.62
N THR A 135 -5.20 2.61 8.38
CA THR A 135 -3.80 2.86 8.13
C THR A 135 -3.57 4.35 7.92
N VAL A 136 -2.31 4.76 7.98
CA VAL A 136 -1.91 6.08 7.53
C VAL A 136 -1.97 6.13 6.00
N PHE A 137 -1.58 7.26 5.41
CA PHE A 137 -1.60 7.37 3.96
C PHE A 137 -0.41 6.61 3.38
N LEU A 138 -0.69 5.73 2.45
CA LEU A 138 0.36 4.90 1.91
C LEU A 138 0.76 5.38 0.52
N PRO A 139 2.06 5.41 0.21
CA PRO A 139 2.49 5.98 -1.07
C PRO A 139 2.27 5.03 -2.23
N ARG A 140 1.95 5.62 -3.39
CA ARG A 140 1.83 4.85 -4.62
C ARG A 140 3.01 5.19 -5.53
N GLU A 141 3.30 4.28 -6.45
CA GLU A 141 4.39 4.51 -7.39
C GLU A 141 4.12 5.68 -8.34
N ASP A 142 2.86 6.07 -8.51
CA ASP A 142 2.56 7.29 -9.26
C ASP A 142 2.46 8.51 -8.35
N HIS A 143 2.83 8.39 -7.07
CA HIS A 143 2.99 9.50 -6.14
C HIS A 143 1.66 10.10 -5.70
N LEU A 144 0.56 9.43 -6.00
CA LEU A 144 -0.69 9.59 -5.27
C LEU A 144 -0.64 8.70 -4.03
N PHE A 145 -1.77 8.56 -3.34
CA PHE A 145 -1.82 7.89 -2.06
C PHE A 145 -2.93 6.85 -2.05
N ARG A 146 -2.81 5.92 -1.12
CA ARG A 146 -3.90 4.99 -0.83
C ARG A 146 -3.99 4.79 0.67
N LYS A 147 -5.08 4.17 1.10
CA LYS A 147 -5.41 4.10 2.52
C LYS A 147 -6.42 2.98 2.72
N PHE A 148 -6.35 2.36 3.91
CA PHE A 148 -7.26 1.29 4.32
C PHE A 148 -7.96 1.67 5.62
N HIS A 149 -9.26 1.39 5.68
CA HIS A 149 -10.03 1.45 6.92
C HIS A 149 -10.68 0.08 7.15
N TYR A 150 -10.83 -0.30 8.42
CA TYR A 150 -11.26 -1.66 8.76
C TYR A 150 -12.41 -1.64 9.76
N LEU A 151 -13.35 -2.57 9.58
CA LEU A 151 -14.49 -2.71 10.47
C LEU A 151 -14.77 -4.19 10.69
N PRO A 152 -14.36 -4.75 11.83
CA PRO A 152 -14.77 -6.11 12.18
C PRO A 152 -16.26 -6.15 12.44
N PHE A 153 -16.90 -7.25 12.03
CA PHE A 153 -18.35 -7.28 12.11
C PHE A 153 -18.85 -8.73 12.14
N LEU A 154 -20.11 -8.86 12.58
CA LEU A 154 -20.81 -10.14 12.58
C LEU A 154 -21.81 -10.15 11.44
N PRO A 155 -21.59 -10.92 10.38
CA PRO A 155 -22.48 -10.85 9.21
C PRO A 155 -23.89 -11.30 9.56
N SER A 156 -24.86 -10.47 9.22
CA SER A 156 -26.27 -10.80 9.38
C SER A 156 -27.02 -10.41 8.12
N THR A 157 -28.26 -10.87 8.02
CA THR A 157 -29.14 -10.50 6.94
C THR A 157 -29.81 -9.16 7.17
N GLU A 158 -29.75 -8.64 8.39
CA GLU A 158 -30.49 -7.44 8.77
C GLU A 158 -29.62 -6.19 8.84
N ASP A 159 -28.34 -6.30 8.44
CA ASP A 159 -27.43 -5.17 8.49
C ASP A 159 -26.92 -4.88 7.09
N VAL A 160 -26.90 -3.60 6.71
CA VAL A 160 -26.18 -3.15 5.53
C VAL A 160 -25.10 -2.16 5.98
N TYR A 161 -24.08 -2.02 5.15
CA TYR A 161 -22.91 -1.22 5.48
C TYR A 161 -22.55 -0.33 4.30
N ASP A 162 -21.95 0.82 4.61
CA ASP A 162 -21.39 1.71 3.62
C ASP A 162 -20.08 2.25 4.17
N CYS A 163 -19.12 2.46 3.28
CA CYS A 163 -17.94 3.23 3.61
C CYS A 163 -18.13 4.59 2.97
N ARG A 164 -18.16 5.65 3.79
CA ARG A 164 -18.39 7.00 3.27
C ARG A 164 -17.07 7.76 3.26
N VAL A 165 -16.68 8.21 2.07
CA VAL A 165 -15.39 8.88 1.89
C VAL A 165 -15.65 10.31 1.44
N GLU A 166 -15.03 11.27 2.14
CA GLU A 166 -15.07 12.67 1.73
C GLU A 166 -13.67 13.12 1.38
N HIS A 167 -13.52 13.80 0.25
CA HIS A 167 -12.23 14.26 -0.24
C HIS A 167 -12.44 15.51 -1.07
N TRP A 168 -11.50 16.46 -1.00
CA TRP A 168 -11.71 17.73 -1.70
C TRP A 168 -11.84 17.57 -3.21
N GLY A 169 -11.39 16.46 -3.78
CA GLY A 169 -11.65 16.29 -5.19
C GLY A 169 -13.01 15.71 -5.52
N LEU A 170 -13.82 15.36 -4.53
CA LEU A 170 -15.15 14.82 -4.76
C LEU A 170 -16.18 15.94 -4.67
N ASP A 171 -17.18 15.88 -5.56
CA ASP A 171 -18.27 16.85 -5.50
C ASP A 171 -19.21 16.56 -4.33
N GLU A 172 -19.52 15.29 -4.10
CA GLU A 172 -20.33 14.85 -2.98
C GLU A 172 -19.62 13.67 -2.33
N PRO A 173 -19.98 13.34 -1.09
CA PRO A 173 -19.36 12.16 -0.47
C PRO A 173 -19.58 10.90 -1.31
N LEU A 174 -18.57 10.04 -1.32
CA LEU A 174 -18.65 8.78 -2.05
C LEU A 174 -19.04 7.69 -1.07
N LEU A 175 -20.15 7.01 -1.33
CA LEU A 175 -20.64 5.96 -0.46
C LEU A 175 -20.51 4.62 -1.18
N LYS A 176 -19.81 3.68 -0.57
CA LYS A 176 -19.60 2.38 -1.18
C LYS A 176 -20.25 1.33 -0.29
N HIS A 177 -21.19 0.59 -0.86
CA HIS A 177 -22.15 -0.24 -0.13
C HIS A 177 -21.65 -1.67 0.01
N TRP A 178 -22.03 -2.32 1.11
CA TRP A 178 -21.85 -3.76 1.25
C TRP A 178 -23.06 -4.35 1.97
N GLU A 179 -23.57 -5.47 1.46
CA GLU A 179 -24.54 -6.27 2.21
C GLU A 179 -24.34 -7.75 1.89
N PHE A 180 -24.78 -8.58 2.84
CA PHE A 180 -24.79 -10.03 2.67
C PHE A 180 -25.60 -10.42 1.43
N ASP A 181 -24.97 -11.16 0.53
CA ASP A 181 -25.60 -11.52 -0.75
C ASP A 181 -26.83 -12.42 -0.58
N ASP B 4 -13.65 23.60 2.84
CA ASP B 4 -12.30 24.16 2.78
C ASP B 4 -11.78 24.17 1.35
N THR B 5 -11.50 25.35 0.82
CA THR B 5 -10.95 25.46 -0.52
C THR B 5 -9.61 26.18 -0.55
N ARG B 6 -8.96 26.38 0.60
CA ARG B 6 -7.62 26.95 0.59
C ARG B 6 -6.70 26.07 -0.25
N PRO B 7 -5.87 26.65 -1.11
CA PRO B 7 -4.95 25.84 -1.92
C PRO B 7 -4.01 25.02 -1.04
N ARG B 8 -3.66 23.84 -1.52
CA ARG B 8 -2.76 22.93 -0.83
C ARG B 8 -1.43 22.83 -1.56
N PHE B 9 -0.37 22.64 -0.79
CA PHE B 9 0.99 22.45 -1.30
C PHE B 9 1.59 21.25 -0.61
N LEU B 10 2.14 20.34 -1.40
CA LEU B 10 2.62 19.06 -0.91
C LEU B 10 4.07 18.85 -1.31
N GLU B 11 4.90 18.47 -0.34
CA GLU B 11 6.26 18.03 -0.60
C GLU B 11 6.33 16.55 -0.29
N GLN B 12 6.99 15.77 -1.14
CA GLN B 12 7.24 14.36 -0.82
C GLN B 12 8.70 14.03 -1.06
N VAL B 13 9.21 13.10 -0.25
CA VAL B 13 10.54 12.53 -0.43
C VAL B 13 10.39 11.01 -0.36
N LYS B 14 11.02 10.31 -1.30
CA LYS B 14 11.09 8.85 -1.28
C LYS B 14 12.55 8.45 -1.38
N HIS B 15 13.09 7.88 -0.29
CA HIS B 15 14.45 7.32 -0.29
C HIS B 15 14.29 5.85 -0.60
N GLU B 16 14.59 5.46 -1.83
CA GLU B 16 14.33 4.11 -2.32
C GLU B 16 15.60 3.27 -2.36
N CYS B 17 15.49 2.03 -1.88
CA CYS B 17 16.57 1.04 -1.94
C CYS B 17 16.05 -0.13 -2.75
N HIS B 18 16.71 -0.41 -3.86
CA HIS B 18 16.30 -1.49 -4.76
C HIS B 18 17.31 -2.62 -4.68
N PHE B 19 16.84 -3.84 -4.41
CA PHE B 19 17.69 -5.01 -4.22
C PHE B 19 17.46 -6.03 -5.31
N PHE B 20 18.54 -6.51 -5.92
CA PHE B 20 18.52 -7.56 -6.94
C PHE B 20 19.41 -8.69 -6.44
N ASN B 21 18.83 -9.89 -6.30
CA ASN B 21 19.50 -11.03 -5.68
C ASN B 21 20.04 -10.67 -4.30
N GLY B 22 19.10 -10.37 -3.41
CA GLY B 22 19.50 -10.01 -2.06
C GLY B 22 20.27 -8.72 -2.08
N THR B 23 21.44 -8.71 -1.45
CA THR B 23 22.30 -7.54 -1.45
C THR B 23 23.45 -7.66 -2.44
N GLU B 24 23.36 -8.60 -3.39
CA GLU B 24 24.40 -8.71 -4.41
C GLU B 24 24.48 -7.44 -5.26
N ARG B 25 23.32 -6.93 -5.68
CA ARG B 25 23.25 -5.68 -6.45
C ARG B 25 22.21 -4.77 -5.84
N VAL B 26 22.61 -3.54 -5.54
CA VAL B 26 21.77 -2.61 -4.78
C VAL B 26 21.80 -1.26 -5.47
N ARG B 27 20.64 -0.64 -5.64
CA ARG B 27 20.53 0.68 -6.23
C ARG B 27 19.76 1.58 -5.29
N PHE B 28 20.32 2.74 -5.01
CA PHE B 28 19.73 3.73 -4.12
C PHE B 28 19.22 4.88 -4.97
N LEU B 29 17.98 5.29 -4.74
CA LEU B 29 17.36 6.39 -5.47
C LEU B 29 16.77 7.35 -4.45
N ASP B 30 17.29 8.58 -4.41
CA ASP B 30 16.82 9.64 -3.50
C ASP B 30 15.96 10.59 -4.31
N ARG B 31 14.64 10.59 -4.10
CA ARG B 31 13.73 11.28 -5.01
C ARG B 31 12.91 12.34 -4.27
N TYR B 32 12.80 13.52 -4.87
CA TYR B 32 12.13 14.67 -4.25
C TYR B 32 10.99 15.10 -5.16
N PHE B 33 9.83 15.37 -4.55
CA PHE B 33 8.60 15.65 -5.29
C PHE B 33 7.91 16.88 -4.77
N TYR B 34 7.35 17.67 -5.68
CA TYR B 34 6.47 18.80 -5.38
C TYR B 34 5.11 18.44 -5.96
N HIS B 35 4.12 18.25 -5.08
CA HIS B 35 2.85 17.58 -5.41
C HIS B 35 3.17 16.17 -5.92
N GLN B 36 2.94 15.89 -7.22
CA GLN B 36 3.36 14.60 -7.82
C GLN B 36 4.60 14.69 -8.69
N GLU B 37 5.20 15.86 -8.81
CA GLU B 37 6.25 16.08 -9.81
C GLU B 37 7.60 15.81 -9.16
N GLU B 38 8.22 14.71 -9.55
CA GLU B 38 9.61 14.50 -9.17
C GLU B 38 10.44 15.58 -9.84
N TYR B 39 11.20 16.33 -9.04
CA TYR B 39 11.94 17.45 -9.59
C TYR B 39 13.44 17.30 -9.52
N VAL B 40 13.96 16.50 -8.59
CA VAL B 40 15.39 16.23 -8.52
C VAL B 40 15.57 14.86 -7.90
N ARG B 41 16.65 14.16 -8.30
CA ARG B 41 16.92 12.86 -7.69
C ARG B 41 18.41 12.61 -7.64
N PHE B 42 18.78 11.74 -6.71
CA PHE B 42 20.11 11.13 -6.65
C PHE B 42 19.98 9.65 -6.99
N ASP B 43 20.66 9.23 -8.04
CA ASP B 43 20.72 7.83 -8.47
C ASP B 43 22.12 7.30 -8.18
N SER B 44 22.23 6.27 -7.35
CA SER B 44 23.55 5.68 -7.11
C SER B 44 24.23 5.21 -8.41
N ASP B 45 23.47 4.93 -9.47
CA ASP B 45 24.05 4.63 -10.77
C ASP B 45 24.83 5.80 -11.36
N VAL B 46 24.50 7.03 -10.96
CA VAL B 46 25.16 8.23 -11.45
C VAL B 46 26.14 8.80 -10.44
N GLY B 47 25.77 8.82 -9.16
CA GLY B 47 26.65 9.37 -8.14
C GLY B 47 26.59 10.86 -7.98
N GLU B 48 25.64 11.52 -8.65
CA GLU B 48 25.37 12.95 -8.48
C GLU B 48 23.87 13.17 -8.59
N TYR B 49 23.39 14.28 -8.04
CA TYR B 49 22.00 14.65 -8.26
C TYR B 49 21.80 15.10 -9.69
N ARG B 50 20.62 14.80 -10.24
CA ARG B 50 20.20 15.32 -11.53
C ARG B 50 18.81 15.93 -11.41
N ALA B 51 18.63 17.06 -12.07
CA ALA B 51 17.32 17.66 -12.18
C ALA B 51 16.43 16.78 -13.03
N VAL B 52 15.23 16.50 -12.54
CA VAL B 52 14.26 15.77 -13.36
C VAL B 52 13.41 16.72 -14.18
N THR B 53 13.07 17.87 -13.59
CA THR B 53 12.41 18.95 -14.27
C THR B 53 13.18 20.22 -13.96
N GLU B 54 12.84 21.29 -14.67
CA GLU B 54 13.52 22.57 -14.48
C GLU B 54 13.37 23.06 -13.05
N LEU B 55 12.25 22.75 -12.39
CA LEU B 55 12.04 23.08 -10.99
C LEU B 55 13.18 22.61 -10.10
N GLY B 56 13.85 21.52 -10.44
CA GLY B 56 14.88 20.97 -9.59
C GLY B 56 16.30 21.41 -9.89
N ARG B 57 16.51 22.18 -10.96
CA ARG B 57 17.87 22.57 -11.32
C ARG B 57 18.61 23.30 -10.22
N PRO B 58 18.01 24.23 -9.47
CA PRO B 58 18.79 24.88 -8.39
C PRO B 58 19.27 23.90 -7.35
N ASP B 59 18.51 22.84 -7.05
CA ASP B 59 18.97 21.91 -6.03
C ASP B 59 20.10 21.02 -6.53
N ALA B 60 20.02 20.55 -7.77
CA ALA B 60 21.10 19.72 -8.31
C ALA B 60 22.41 20.50 -8.36
N GLU B 61 22.37 21.75 -8.86
CA GLU B 61 23.57 22.58 -8.85
C GLU B 61 24.10 22.76 -7.44
N TYR B 62 23.25 23.20 -6.52
CA TYR B 62 23.71 23.47 -5.17
C TYR B 62 24.23 22.20 -4.50
N TRP B 63 23.46 21.11 -4.53
CA TRP B 63 23.89 19.92 -3.79
C TRP B 63 25.13 19.30 -4.44
N ASN B 64 25.21 19.30 -5.77
CA ASN B 64 26.37 18.74 -6.46
C ASN B 64 27.64 19.54 -6.18
N SER B 65 27.51 20.77 -5.67
CA SER B 65 28.67 21.56 -5.30
C SER B 65 29.23 21.18 -3.94
N GLN B 66 28.53 20.34 -3.18
N GLN B 66 28.52 20.35 -3.17
CA GLN B 66 28.93 20.00 -1.81
CA GLN B 66 28.91 19.99 -1.82
C GLN B 66 29.37 18.54 -1.80
C GLN B 66 29.37 18.53 -1.83
N LYS B 67 30.69 18.34 -1.92
CA LYS B 67 31.24 16.98 -1.99
C LYS B 67 30.88 16.17 -0.75
N ASP B 68 30.81 16.81 0.41
CA ASP B 68 30.46 16.07 1.62
C ASP B 68 29.06 15.50 1.50
N LEU B 69 28.11 16.31 1.04
CA LEU B 69 26.74 15.81 0.81
C LEU B 69 26.75 14.64 -0.16
N LEU B 70 27.49 14.77 -1.28
CA LEU B 70 27.48 13.71 -2.30
C LEU B 70 28.05 12.41 -1.76
N GLU B 71 29.13 12.48 -0.98
CA GLU B 71 29.71 11.26 -0.45
C GLU B 71 28.77 10.55 0.52
N GLN B 72 27.96 11.31 1.29
CA GLN B 72 26.92 10.68 2.11
C GLN B 72 25.95 9.90 1.24
N ARG B 73 25.49 10.51 0.15
CA ARG B 73 24.59 9.80 -0.75
C ARG B 73 25.29 8.64 -1.44
N ARG B 74 26.56 8.83 -1.82
CA ARG B 74 27.29 7.75 -2.48
C ARG B 74 27.50 6.54 -1.57
N ALA B 75 27.56 6.77 -0.25
CA ALA B 75 27.71 5.67 0.70
C ALA B 75 26.39 4.95 1.01
N ALA B 76 25.24 5.53 0.67
CA ALA B 76 23.96 5.03 1.16
C ALA B 76 23.71 3.57 0.77
N VAL B 77 24.12 3.15 -0.44
CA VAL B 77 23.89 1.74 -0.82
C VAL B 77 24.43 0.79 0.25
N ASP B 78 25.55 1.17 0.90
CA ASP B 78 26.15 0.36 1.94
C ASP B 78 25.63 0.70 3.34
N THR B 79 25.71 1.98 3.73
CA THR B 79 25.39 2.37 5.10
C THR B 79 23.89 2.37 5.37
N TYR B 80 23.06 2.43 4.34
CA TYR B 80 21.62 2.60 4.50
C TYR B 80 20.86 1.42 3.92
N CYS B 81 20.95 1.20 2.61
CA CYS B 81 20.23 0.12 1.96
C CYS B 81 20.65 -1.25 2.49
N ARG B 82 21.94 -1.59 2.37
CA ARG B 82 22.34 -2.92 2.79
C ARG B 82 22.17 -3.10 4.29
N HIS B 83 22.32 -2.02 5.07
CA HIS B 83 22.09 -2.14 6.49
C HIS B 83 20.63 -2.46 6.80
N ASN B 84 19.69 -1.71 6.22
CA ASN B 84 18.29 -1.94 6.54
C ASN B 84 17.82 -3.27 6.00
N TYR B 85 18.35 -3.69 4.85
CA TYR B 85 18.02 -5.01 4.36
C TYR B 85 18.36 -6.07 5.40
N GLY B 86 19.53 -5.96 6.03
CA GLY B 86 19.90 -6.90 7.07
C GLY B 86 18.93 -6.86 8.24
N VAL B 87 18.42 -5.67 8.57
CA VAL B 87 17.54 -5.54 9.72
C VAL B 87 16.20 -6.25 9.49
N VAL B 88 15.64 -6.12 8.28
CA VAL B 88 14.26 -6.54 8.04
C VAL B 88 14.13 -7.89 7.33
N GLU B 89 15.18 -8.38 6.69
CA GLU B 89 15.04 -9.45 5.71
C GLU B 89 14.31 -10.67 6.26
N SER B 90 14.50 -10.99 7.54
CA SER B 90 13.99 -12.24 8.08
C SER B 90 12.46 -12.26 8.20
N PHE B 91 11.83 -11.08 8.36
CA PHE B 91 10.37 -11.05 8.48
C PHE B 91 9.68 -10.34 7.32
N THR B 92 10.40 -10.07 6.23
CA THR B 92 9.85 -9.43 5.04
C THR B 92 10.25 -10.23 3.81
N VAL B 93 11.53 -10.17 3.43
CA VAL B 93 12.03 -10.97 2.31
C VAL B 93 11.63 -12.44 2.47
N GLN B 94 11.71 -12.95 3.70
CA GLN B 94 11.48 -14.35 3.99
C GLN B 94 10.11 -14.63 4.60
N ARG B 95 9.23 -13.63 4.65
CA ARG B 95 7.88 -13.85 5.14
C ARG B 95 7.12 -14.76 4.19
N ARG B 96 6.42 -15.75 4.74
CA ARG B 96 5.69 -16.74 3.95
C ARG B 96 4.42 -17.09 4.72
N VAL B 97 3.25 -16.71 4.19
CA VAL B 97 1.96 -17.03 4.77
C VAL B 97 1.15 -17.76 3.72
N TYR B 98 0.73 -19.00 4.02
CA TYR B 98 0.05 -19.74 2.98
C TYR B 98 -1.44 -19.37 2.92
N PRO B 99 -2.06 -19.56 1.77
CA PRO B 99 -3.46 -19.16 1.61
C PRO B 99 -4.43 -20.16 2.21
N GLU B 100 -5.52 -19.63 2.74
CA GLU B 100 -6.73 -20.41 2.95
C GLU B 100 -7.52 -20.43 1.64
N VAL B 101 -7.93 -21.62 1.19
CA VAL B 101 -8.61 -21.76 -0.08
C VAL B 101 -10.03 -22.26 0.19
N THR B 102 -11.02 -21.51 -0.28
CA THR B 102 -12.45 -21.82 -0.16
C THR B 102 -13.07 -21.85 -1.56
N VAL B 103 -13.91 -22.84 -1.83
CA VAL B 103 -14.65 -22.91 -3.10
C VAL B 103 -16.15 -22.84 -2.79
N TYR B 104 -16.83 -21.83 -3.34
CA TYR B 104 -18.26 -21.67 -3.13
C TYR B 104 -18.97 -21.28 -4.43
N PRO B 105 -20.21 -21.71 -4.61
CA PRO B 105 -20.95 -21.41 -5.84
C PRO B 105 -21.67 -20.07 -5.78
N ALA B 106 -21.96 -19.53 -6.96
CA ALA B 106 -22.56 -18.20 -7.06
C ALA B 106 -23.31 -18.09 -8.39
N LYS B 107 -23.83 -16.89 -8.69
CA LYS B 107 -24.65 -16.61 -9.86
C LYS B 107 -24.21 -15.31 -10.54
N THR B 108 -24.04 -15.35 -11.86
CA THR B 108 -23.54 -14.19 -12.59
C THR B 108 -24.54 -13.05 -12.54
N GLN B 109 -25.80 -13.40 -12.65
CA GLN B 109 -26.93 -12.52 -12.38
C GLN B 109 -27.91 -13.38 -11.60
N PRO B 110 -28.85 -12.77 -10.86
CA PRO B 110 -29.88 -13.59 -10.23
C PRO B 110 -30.55 -14.46 -11.27
N LEU B 111 -30.23 -15.75 -11.24
CA LEU B 111 -30.83 -16.68 -12.17
C LEU B 111 -31.71 -17.65 -11.39
N GLN B 112 -31.45 -18.94 -11.59
CA GLN B 112 -32.10 -19.97 -10.82
C GLN B 112 -31.03 -20.90 -10.27
N HIS B 113 -30.10 -21.28 -11.15
CA HIS B 113 -29.06 -22.23 -10.80
C HIS B 113 -27.74 -21.48 -10.70
N HIS B 114 -26.94 -21.84 -9.70
CA HIS B 114 -25.58 -21.36 -9.60
C HIS B 114 -24.87 -21.64 -10.92
N ASN B 115 -24.23 -20.60 -11.47
CA ASN B 115 -23.49 -20.74 -12.72
C ASN B 115 -22.07 -20.19 -12.61
N LEU B 116 -21.59 -20.01 -11.38
CA LEU B 116 -20.29 -19.46 -11.07
C LEU B 116 -19.69 -20.29 -9.95
N LEU B 117 -18.45 -20.77 -10.13
CA LEU B 117 -17.72 -21.42 -9.05
C LEU B 117 -16.60 -20.50 -8.63
N VAL B 118 -16.66 -20.03 -7.39
CA VAL B 118 -15.70 -19.07 -6.86
C VAL B 118 -14.62 -19.83 -6.11
N CYS B 119 -13.37 -19.62 -6.49
CA CYS B 119 -12.24 -20.08 -5.72
C CYS B 119 -11.65 -18.89 -4.97
N SER B 120 -11.91 -18.85 -3.66
CA SER B 120 -11.50 -17.74 -2.81
C SER B 120 -10.19 -18.10 -2.14
N VAL B 121 -9.15 -17.29 -2.37
CA VAL B 121 -7.79 -17.56 -1.92
C VAL B 121 -7.41 -16.38 -1.03
N ASN B 122 -7.27 -16.63 0.26
CA ASN B 122 -7.22 -15.58 1.26
C ASN B 122 -6.00 -15.67 2.17
N GLY B 123 -5.51 -14.50 2.57
CA GLY B 123 -4.55 -14.41 3.65
C GLY B 123 -3.10 -14.70 3.29
N PHE B 124 -2.73 -14.74 2.01
CA PHE B 124 -1.39 -15.21 1.67
C PHE B 124 -0.40 -14.05 1.54
N TYR B 125 0.89 -14.40 1.59
CA TYR B 125 2.00 -13.48 1.39
C TYR B 125 3.21 -14.30 0.94
N PRO B 126 3.95 -13.88 -0.09
CA PRO B 126 3.78 -12.63 -0.81
C PRO B 126 2.70 -12.73 -1.89
N GLY B 127 2.73 -11.83 -2.87
CA GLY B 127 1.58 -11.67 -3.75
C GLY B 127 1.53 -12.62 -4.92
N SER B 128 2.68 -13.13 -5.36
CA SER B 128 2.72 -13.95 -6.57
C SER B 128 2.01 -15.28 -6.32
N ILE B 129 0.99 -15.57 -7.12
CA ILE B 129 0.19 -16.77 -6.92
C ILE B 129 -0.36 -17.20 -8.26
N GLU B 130 -0.54 -18.50 -8.42
CA GLU B 130 -1.14 -19.06 -9.62
C GLU B 130 -2.34 -19.90 -9.20
N VAL B 131 -3.50 -19.60 -9.77
CA VAL B 131 -4.74 -20.28 -9.44
C VAL B 131 -5.33 -20.78 -10.74
N ARG B 132 -5.60 -22.09 -10.81
CA ARG B 132 -6.14 -22.71 -12.01
C ARG B 132 -7.38 -23.54 -11.65
N TRP B 133 -8.30 -23.62 -12.60
CA TRP B 133 -9.54 -24.39 -12.48
C TRP B 133 -9.44 -25.64 -13.33
N PHE B 134 -9.87 -26.76 -12.78
CA PHE B 134 -9.92 -28.03 -13.49
C PHE B 134 -11.32 -28.62 -13.43
N ARG B 135 -11.73 -29.23 -14.54
CA ARG B 135 -12.96 -30.02 -14.61
C ARG B 135 -12.61 -31.44 -15.04
N ASN B 136 -12.91 -32.41 -14.18
CA ASN B 136 -12.56 -33.81 -14.44
C ASN B 136 -11.09 -33.95 -14.85
N GLY B 137 -10.22 -33.19 -14.17
CA GLY B 137 -8.80 -33.32 -14.38
C GLY B 137 -8.22 -32.61 -15.59
N GLN B 138 -9.07 -32.02 -16.46
CA GLN B 138 -8.59 -31.21 -17.57
C GLN B 138 -8.67 -29.74 -17.19
N GLU B 139 -7.62 -28.99 -17.46
CA GLU B 139 -7.65 -27.60 -17.03
C GLU B 139 -8.72 -26.85 -17.83
N GLU B 140 -9.45 -25.99 -17.14
CA GLU B 140 -10.49 -25.16 -17.74
C GLU B 140 -9.92 -23.74 -17.87
N LYS B 141 -9.68 -23.33 -19.12
CA LYS B 141 -9.09 -22.02 -19.38
C LYS B 141 -10.10 -21.01 -19.91
N THR B 142 -11.29 -21.44 -20.30
CA THR B 142 -12.31 -20.54 -20.83
C THR B 142 -13.31 -20.18 -19.73
N GLY B 143 -13.78 -18.93 -19.77
CA GLY B 143 -14.75 -18.52 -18.78
C GLY B 143 -14.19 -18.34 -17.38
N VAL B 144 -12.90 -18.00 -17.27
CA VAL B 144 -12.26 -17.73 -15.98
C VAL B 144 -12.11 -16.22 -15.82
N VAL B 145 -12.51 -15.69 -14.67
CA VAL B 145 -12.42 -14.28 -14.38
C VAL B 145 -12.02 -14.11 -12.93
N SER B 146 -11.38 -12.99 -12.60
CA SER B 146 -10.80 -12.85 -11.28
C SER B 146 -10.88 -11.41 -10.82
N THR B 147 -10.83 -11.22 -9.51
CA THR B 147 -10.64 -9.89 -8.96
C THR B 147 -9.25 -9.37 -9.26
N GLY B 148 -8.33 -10.22 -9.67
CA GLY B 148 -6.92 -9.88 -9.63
C GLY B 148 -6.40 -9.99 -8.21
N LEU B 149 -5.17 -9.52 -8.03
CA LEU B 149 -4.51 -9.58 -6.74
C LEU B 149 -4.96 -8.40 -5.88
N ILE B 150 -5.47 -8.69 -4.69
CA ILE B 150 -5.97 -7.64 -3.80
C ILE B 150 -5.07 -7.56 -2.58
N GLN B 151 -4.51 -6.37 -2.34
CA GLN B 151 -3.83 -6.09 -1.07
C GLN B 151 -4.86 -5.88 0.03
N ASN B 152 -4.66 -6.52 1.18
CA ASN B 152 -5.50 -6.23 2.33
C ASN B 152 -4.96 -5.10 3.19
N GLY B 153 -3.74 -4.66 2.93
CA GLY B 153 -3.12 -3.59 3.68
C GLY B 153 -2.48 -4.02 4.98
N ASP B 154 -2.52 -5.31 5.31
CA ASP B 154 -2.02 -5.83 6.58
C ASP B 154 -1.01 -6.95 6.36
N TRP B 155 -0.24 -6.87 5.29
CA TRP B 155 0.76 -7.88 4.91
C TRP B 155 0.12 -9.22 4.52
N THR B 156 -1.13 -9.18 4.05
CA THR B 156 -1.74 -10.34 3.41
C THR B 156 -2.42 -9.90 2.11
N PHE B 157 -2.60 -10.87 1.23
CA PHE B 157 -3.30 -10.68 -0.03
C PHE B 157 -4.52 -11.58 -0.09
N GLN B 158 -5.38 -11.31 -1.06
CA GLN B 158 -6.45 -12.24 -1.42
C GLN B 158 -6.73 -12.11 -2.90
N THR B 159 -7.40 -13.14 -3.44
CA THR B 159 -7.86 -13.12 -4.81
C THR B 159 -9.02 -14.10 -4.92
N LEU B 160 -10.01 -13.76 -5.74
CA LEU B 160 -11.07 -14.69 -6.13
C LEU B 160 -10.91 -15.00 -7.61
N VAL B 161 -10.98 -16.28 -7.93
CA VAL B 161 -10.87 -16.75 -9.30
C VAL B 161 -12.11 -17.55 -9.60
N MET B 162 -12.92 -17.07 -10.54
CA MET B 162 -14.25 -17.60 -10.79
C MET B 162 -14.32 -18.31 -12.12
N LEU B 163 -15.05 -19.42 -12.15
CA LEU B 163 -15.23 -20.23 -13.34
C LEU B 163 -16.69 -20.17 -13.74
N GLU B 164 -16.96 -19.66 -14.94
CA GLU B 164 -18.32 -19.60 -15.46
C GLU B 164 -18.67 -20.99 -15.96
N THR B 165 -19.57 -21.68 -15.26
CA THR B 165 -19.92 -23.03 -15.69
C THR B 165 -21.29 -23.40 -15.14
N VAL B 166 -22.02 -24.22 -15.88
CA VAL B 166 -23.23 -24.81 -15.35
C VAL B 166 -22.87 -26.19 -14.82
N PRO B 167 -22.79 -26.36 -13.50
CA PRO B 167 -22.35 -27.65 -12.96
C PRO B 167 -23.36 -28.75 -13.25
N ARG B 168 -22.85 -29.92 -13.61
CA ARG B 168 -23.65 -31.10 -13.85
C ARG B 168 -23.21 -32.20 -12.90
N SER B 169 -24.17 -32.99 -12.42
CA SER B 169 -23.81 -34.14 -11.60
C SER B 169 -22.87 -35.04 -12.38
N GLY B 170 -21.96 -35.69 -11.66
CA GLY B 170 -20.92 -36.48 -12.28
C GLY B 170 -19.65 -35.72 -12.58
N GLU B 171 -19.67 -34.39 -12.53
CA GLU B 171 -18.48 -33.57 -12.74
C GLU B 171 -17.75 -33.30 -11.43
N VAL B 172 -16.43 -33.36 -11.49
CA VAL B 172 -15.57 -32.95 -10.38
C VAL B 172 -14.82 -31.70 -10.78
N TYR B 173 -14.96 -30.64 -9.98
CA TYR B 173 -14.28 -29.38 -10.19
C TYR B 173 -13.18 -29.19 -9.17
N THR B 174 -12.02 -28.73 -9.63
CA THR B 174 -10.85 -28.56 -8.75
C THR B 174 -10.26 -27.18 -8.96
N CYS B 175 -10.18 -26.40 -7.88
CA CYS B 175 -9.34 -25.22 -7.82
C CYS B 175 -7.95 -25.59 -7.30
N GLN B 176 -6.90 -25.20 -8.04
CA GLN B 176 -5.52 -25.50 -7.70
C GLN B 176 -4.71 -24.22 -7.53
N VAL B 177 -4.03 -24.10 -6.38
CA VAL B 177 -3.29 -22.92 -5.98
C VAL B 177 -1.80 -23.25 -5.85
N GLU B 178 -0.95 -22.51 -6.56
CA GLU B 178 0.50 -22.59 -6.40
C GLU B 178 1.02 -21.25 -5.86
N HIS B 179 1.89 -21.33 -4.85
CA HIS B 179 2.34 -20.16 -4.11
C HIS B 179 3.67 -20.49 -3.47
N PRO B 180 4.55 -19.50 -3.27
CA PRO B 180 5.86 -19.79 -2.65
C PRO B 180 5.77 -20.40 -1.25
N SER B 181 4.69 -20.16 -0.51
CA SER B 181 4.58 -20.73 0.83
C SER B 181 4.27 -22.22 0.82
N LEU B 182 3.96 -22.79 -0.34
CA LEU B 182 3.51 -24.16 -0.49
C LEU B 182 4.61 -24.98 -1.14
N THR B 183 4.79 -26.21 -0.67
CA THR B 183 5.77 -27.10 -1.28
C THR B 183 5.17 -27.98 -2.36
N SER B 184 3.85 -27.99 -2.52
CA SER B 184 3.18 -28.64 -3.63
C SER B 184 1.81 -27.98 -3.79
N PRO B 185 1.16 -28.14 -4.93
CA PRO B 185 -0.09 -27.39 -5.18
C PRO B 185 -1.16 -27.72 -4.15
N LEU B 186 -1.80 -26.67 -3.65
CA LEU B 186 -3.01 -26.81 -2.85
C LEU B 186 -4.20 -26.97 -3.80
N THR B 187 -4.95 -28.07 -3.64
CA THR B 187 -6.14 -28.33 -4.46
C THR B 187 -7.36 -28.48 -3.57
N VAL B 188 -8.48 -27.89 -4.01
CA VAL B 188 -9.76 -28.00 -3.32
C VAL B 188 -10.78 -28.45 -4.35
N GLU B 189 -11.56 -29.47 -3.99
CA GLU B 189 -12.52 -30.07 -4.90
C GLU B 189 -13.92 -29.56 -4.59
N TRP B 190 -14.78 -29.60 -5.61
CA TRP B 190 -16.18 -29.22 -5.49
C TRP B 190 -16.99 -30.11 -6.40
N ARG B 191 -18.12 -30.59 -5.90
CA ARG B 191 -19.00 -31.47 -6.65
C ARG B 191 -20.44 -30.97 -6.54
N ALA B 192 -21.15 -31.01 -7.65
CA ALA B 192 -22.56 -30.65 -7.67
C ALA B 192 -23.37 -31.60 -6.78
N ASP C 1 20.05 -4.70 14.26
CA ASP C 1 18.60 -4.70 14.42
C ASP C 1 18.03 -3.29 14.65
N ILE C 2 18.85 -2.27 14.48
CA ILE C 2 18.39 -0.88 14.51
C ILE C 2 18.18 -0.40 13.08
N PHE C 3 16.95 0.04 12.81
CA PHE C 3 16.63 0.70 11.54
C PHE C 3 17.41 1.99 11.40
N GLU C 4 17.99 2.21 10.24
CA GLU C 4 18.66 3.47 9.93
C GLU C 4 17.72 4.31 9.07
N ARG C 5 17.53 5.57 9.46
CA ARG C 5 16.92 6.54 8.57
C ARG C 5 18.01 7.30 7.84
N ILE C 6 17.70 7.75 6.64
CA ILE C 6 18.60 8.65 5.94
C ILE C 6 18.00 10.05 5.99
N ALA C 7 18.88 11.05 6.12
CA ALA C 7 18.42 12.43 6.14
C ALA C 7 17.88 12.83 4.77
N SER C 8 16.90 13.72 4.80
CA SER C 8 16.49 14.43 3.60
C SER C 8 17.40 15.64 3.38
N GLU C 9 17.71 15.91 2.11
CA GLU C 9 18.64 16.98 1.76
C GLU C 9 17.94 18.32 1.79
N ALA C 10 18.62 19.34 2.33
CA ALA C 10 18.02 20.65 2.53
C ALA C 10 18.32 21.57 1.35
N SER C 11 17.29 22.14 0.74
CA SER C 11 17.54 23.16 -0.25
C SER C 11 17.98 24.44 0.43
N ARG C 12 18.62 25.32 -0.32
CA ARG C 12 19.00 26.61 0.23
C ARG C 12 17.93 27.65 -0.07
N LEU C 13 17.82 28.64 0.82
CA LEU C 13 16.87 29.72 0.67
C LEU C 13 17.22 30.62 -0.51
#